data_6ZE3
#
_entry.id   6ZE3
#
_cell.length_a   109.683
_cell.length_b   115.585
_cell.length_c   46.605
_cell.angle_alpha   90.000
_cell.angle_beta   90.000
_cell.angle_gamma   90.000
#
_symmetry.space_group_name_H-M   'P 21 21 2'
#
loop_
_entity.id
_entity.type
_entity.pdbx_description
1 polymer 'FAD-dependent oxidoreductase'
2 branched 2-acetamido-2-deoxy-beta-D-glucopyranose-(1-4)-2-acetamido-2-deoxy-beta-D-glucopyranose
3 non-polymer 'DIHYDROFLAVINE-ADENINE DINUCLEOTIDE'
4 non-polymer 2-acetamido-2-deoxy-beta-D-glucopyranose
5 non-polymer (4-methoxycarbonylphenyl)methylazanium
6 non-polymer 'FORMIC ACID'
7 non-polymer 'SODIUM ION'
8 non-polymer 'MAGNESIUM ION'
9 water water
#
_entity_poly.entity_id   1
_entity_poly.type   'polypeptide(L)'
_entity_poly.pdbx_seq_one_letter_code
;NVHSNYTFIIAGGGISGLTLADRLTEDPRVTVLVIEAGPLDRGEDGILVPGAFSPWLYFWPGLVSTPQAGLNNRTVDVIT
AQVVGGGSTINAMVYLRGDKDDYDSWGALGNPGWSWNSMLPYFIKSETFTPPSPELAAAGNITWDGSIRGRSGPVNYSYP
NYFFPGSENWWNAANEVGLPPVKDPMAGSKQGVFWIPSAIDARTMTRSHARRNHYDRVSSRPNYHILPSHLVSKILFRGK
QAIGVSYIPTSGGNTTTNVYASKEITLAAGGLGTPKILQLSGIGPRKLLNELGIPVISDLPGVGQNLQDQPTLTIPYTFT
NNVFPNTDSLTTNATYNAEQRALYDSSKQGAYTIVNSLSTNIGVMSLQRAAPKSYRQIIAAARARSASLSLPPGTDPAVI
RGYQAQRNAILKQFENPNVGVGTVHWGTGSSALVYHLKPLSRGTVNIRSTNPLDAPEIDYRTGTDPIDAQVYTSLFRKNR
EIFNAPSMRVLGPSEAAPFGANLTTDEEIYAVMRELINPSNAHQCCTAAMMPKDMGGVVSSEQKVYGVQGLRVADISFWP
FQLSGSPMATAYAGAERLADVIKKEHRLAGAPKSL
;
_entity_poly.pdbx_strand_id   A
#
# COMPACT_ATOMS: atom_id res chain seq x y z
N ASN A 5 29.04 -10.41 14.84
CA ASN A 5 27.62 -10.80 14.51
C ASN A 5 26.62 -10.11 15.47
N TYR A 6 25.41 -9.84 14.99
CA TYR A 6 24.41 -8.92 15.60
C TYR A 6 23.23 -9.73 16.18
N THR A 7 22.47 -9.16 17.12
CA THR A 7 21.25 -9.81 17.72
C THR A 7 20.22 -10.13 16.63
N PHE A 8 19.87 -9.16 15.76
CA PHE A 8 18.88 -9.33 14.65
C PHE A 8 19.46 -8.75 13.36
N ILE A 9 19.20 -9.42 12.23
CA ILE A 9 19.42 -8.83 10.87
C ILE A 9 18.04 -8.62 10.23
N ILE A 10 17.78 -7.42 9.70
CA ILE A 10 16.52 -7.10 8.97
C ILE A 10 16.89 -6.93 7.48
N ALA A 11 16.29 -7.71 6.58
CA ALA A 11 16.46 -7.55 5.12
C ALA A 11 15.44 -6.52 4.57
N GLY A 12 15.84 -5.26 4.49
CA GLY A 12 15.09 -4.16 3.84
C GLY A 12 14.80 -3.06 4.83
N GLY A 13 15.19 -1.85 4.50
CA GLY A 13 15.01 -0.66 5.36
C GLY A 13 13.89 0.22 4.81
N GLY A 14 12.72 -0.39 4.55
CA GLY A 14 11.46 0.30 4.18
C GLY A 14 10.65 0.60 5.43
N ILE A 15 9.32 0.71 5.32
CA ILE A 15 8.46 1.15 6.46
C ILE A 15 8.60 0.14 7.59
N SER A 16 8.56 -1.13 7.23
CA SER A 16 8.47 -2.24 8.21
C SER A 16 9.84 -2.48 8.87
N GLY A 17 10.90 -2.67 8.08
CA GLY A 17 12.23 -2.90 8.65
C GLY A 17 12.59 -1.78 9.62
N LEU A 18 12.58 -0.52 9.13
CA LEU A 18 13.05 0.64 9.94
C LEU A 18 12.23 0.72 11.23
N THR A 19 10.91 0.43 11.18
CA THR A 19 10.01 0.58 12.35
C THR A 19 10.42 -0.47 13.40
N LEU A 20 10.67 -1.69 12.94
CA LEU A 20 11.11 -2.83 13.79
C LEU A 20 12.51 -2.53 14.37
N ALA A 21 13.45 -2.08 13.54
CA ALA A 21 14.85 -1.80 13.95
C ALA A 21 14.81 -0.81 15.11
N ASP A 22 14.06 0.27 14.95
CA ASP A 22 13.91 1.34 15.97
C ASP A 22 13.47 0.70 17.30
N ARG A 23 12.44 -0.14 17.29
CA ARG A 23 11.82 -0.60 18.56
C ARG A 23 12.74 -1.62 19.21
N LEU A 24 13.32 -2.53 18.44
CA LEU A 24 14.34 -3.48 18.97
C LEU A 24 15.57 -2.74 19.53
N THR A 25 16.02 -1.65 18.91
CA THR A 25 17.24 -0.95 19.40
C THR A 25 16.91 -0.09 20.64
N GLU A 26 15.68 -0.15 21.19
CA GLU A 26 15.30 0.52 22.46
C GLU A 26 16.00 -0.17 23.64
N ASP A 27 16.19 -1.48 23.56
CA ASP A 27 17.09 -2.23 24.46
C ASP A 27 18.50 -2.04 23.89
N PRO A 28 19.37 -1.36 24.67
CA PRO A 28 20.74 -1.06 24.23
C PRO A 28 21.58 -2.33 24.15
N ARG A 29 21.22 -3.40 24.89
CA ARG A 29 21.86 -4.74 24.81
C ARG A 29 21.48 -5.45 23.49
N VAL A 30 20.52 -4.93 22.73
CA VAL A 30 20.12 -5.53 21.43
C VAL A 30 20.76 -4.76 20.28
N THR A 31 21.40 -5.45 19.35
CA THR A 31 22.03 -4.80 18.17
C THR A 31 21.29 -5.31 16.95
N VAL A 32 21.13 -4.44 15.94
CA VAL A 32 20.38 -4.74 14.68
C VAL A 32 21.21 -4.23 13.49
N LEU A 33 21.27 -5.04 12.46
CA LEU A 33 21.73 -4.62 11.12
C LEU A 33 20.54 -4.61 10.17
N VAL A 34 20.31 -3.47 9.56
CA VAL A 34 19.32 -3.29 8.46
C VAL A 34 20.12 -3.16 7.15
N ILE A 35 19.86 -4.04 6.21
CA ILE A 35 20.49 -4.07 4.87
C ILE A 35 19.40 -3.65 3.89
N GLU A 36 19.66 -2.66 3.06
CA GLU A 36 18.61 -2.00 2.24
C GLU A 36 19.16 -1.86 0.82
N ALA A 37 18.46 -2.38 -0.17
CA ALA A 37 18.82 -2.28 -1.61
C ALA A 37 19.24 -0.84 -1.95
N GLY A 38 18.48 0.15 -1.46
CA GLY A 38 18.64 1.53 -1.96
C GLY A 38 19.62 2.35 -1.14
N PRO A 39 20.00 3.54 -1.66
CA PRO A 39 20.74 4.52 -0.87
C PRO A 39 19.93 5.27 0.21
N LEU A 40 20.60 6.16 0.95
CA LEU A 40 19.94 7.27 1.66
C LEU A 40 19.50 8.34 0.65
N ASP A 41 18.25 8.82 0.74
CA ASP A 41 17.79 9.99 -0.05
C ASP A 41 18.67 11.18 0.37
N ARG A 42 18.84 12.20 -0.48
CA ARG A 42 19.75 13.36 -0.22
C ARG A 42 18.98 14.56 0.34
N GLY A 43 17.78 14.35 0.87
CA GLY A 43 16.90 15.43 1.39
C GLY A 43 16.43 16.35 0.28
N GLU A 44 16.46 15.87 -0.97
CA GLU A 44 16.15 16.69 -2.18
C GLU A 44 14.65 17.08 -2.16
N ASP A 45 14.29 18.18 -2.87
CA ASP A 45 12.92 18.79 -2.79
C ASP A 45 11.88 17.76 -3.21
N GLY A 46 12.16 17.00 -4.27
CA GLY A 46 11.29 15.92 -4.77
C GLY A 46 10.90 14.84 -3.74
N ILE A 47 11.63 14.72 -2.63
CA ILE A 47 11.25 13.82 -1.49
C ILE A 47 10.51 14.64 -0.42
N LEU A 48 11.04 15.79 0.02
CA LEU A 48 10.67 16.43 1.31
C LEU A 48 9.52 17.44 1.11
N VAL A 49 9.49 18.11 -0.04
CA VAL A 49 8.49 19.19 -0.31
C VAL A 49 7.32 18.60 -1.07
N PRO A 50 6.10 18.67 -0.50
CA PRO A 50 4.95 18.06 -1.16
C PRO A 50 4.73 18.57 -2.60
N GLY A 51 4.68 19.88 -2.84
CA GLY A 51 4.44 20.39 -4.20
C GLY A 51 5.52 19.98 -5.22
N ALA A 52 6.67 19.46 -4.77
CA ALA A 52 7.79 19.04 -5.62
C ALA A 52 7.76 17.53 -5.90
N PHE A 53 6.72 16.82 -5.45
CA PHE A 53 6.64 15.33 -5.49
C PHE A 53 7.29 14.78 -6.76
N SER A 54 8.38 14.00 -6.62
CA SER A 54 9.06 13.28 -7.73
C SER A 54 9.40 11.83 -7.36
N PRO A 55 8.38 10.94 -7.32
CA PRO A 55 8.58 9.61 -6.74
C PRO A 55 9.68 8.81 -7.48
N TRP A 56 9.95 9.15 -8.75
CA TRP A 56 10.70 8.34 -9.77
C TRP A 56 12.22 8.34 -9.49
N LEU A 57 12.68 9.23 -8.61
CA LEU A 57 14.09 9.29 -8.16
C LEU A 57 14.49 7.95 -7.51
N TYR A 58 13.58 7.19 -6.88
CA TYR A 58 14.01 5.99 -6.11
C TYR A 58 13.16 4.76 -6.46
N PHE A 59 12.70 4.67 -7.72
CA PHE A 59 12.01 3.47 -8.29
C PHE A 59 13.03 2.36 -8.56
N TRP A 60 12.68 1.14 -8.16
CA TRP A 60 13.48 -0.07 -8.52
C TRP A 60 13.56 -0.14 -10.04
N PRO A 61 14.76 -0.23 -10.66
CA PRO A 61 14.89 -0.21 -12.12
C PRO A 61 14.71 -1.59 -12.77
N GLY A 62 14.35 -1.63 -14.06
CA GLY A 62 14.26 -2.88 -14.86
C GLY A 62 13.27 -3.90 -14.30
N LEU A 63 12.11 -3.45 -13.81
CA LEU A 63 11.00 -4.32 -13.33
C LEU A 63 9.81 -4.11 -14.27
N VAL A 64 9.48 -5.16 -15.04
CA VAL A 64 8.36 -5.18 -16.01
C VAL A 64 7.45 -6.37 -15.69
N SER A 65 6.14 -6.22 -15.96
CA SER A 65 5.12 -7.29 -15.81
C SER A 65 5.23 -8.22 -17.02
N THR A 66 4.67 -9.43 -16.88
CA THR A 66 4.19 -10.30 -17.99
C THR A 66 3.13 -9.53 -18.77
N PRO A 67 2.79 -9.94 -20.01
CA PRO A 67 1.53 -9.52 -20.66
C PRO A 67 0.36 -9.74 -19.67
N GLN A 68 -0.55 -8.76 -19.55
CA GLN A 68 -1.66 -8.88 -18.56
C GLN A 68 -2.91 -9.40 -19.28
N ALA A 69 -3.25 -10.68 -19.03
CA ALA A 69 -4.32 -11.41 -19.74
C ALA A 69 -5.64 -10.63 -19.55
N GLY A 70 -5.83 -10.02 -18.38
CA GLY A 70 -7.09 -9.32 -18.04
C GLY A 70 -7.17 -7.94 -18.67
N LEU A 71 -6.08 -7.44 -19.26
CA LEU A 71 -5.97 -6.02 -19.70
C LEU A 71 -5.38 -5.96 -21.10
N ASN A 72 -5.92 -6.75 -22.02
CA ASN A 72 -5.57 -6.77 -23.47
C ASN A 72 -4.10 -7.15 -23.65
N ASN A 73 -3.55 -7.98 -22.76
CA ASN A 73 -2.15 -8.47 -22.82
C ASN A 73 -1.16 -7.28 -22.76
N ARG A 74 -1.51 -6.19 -22.07
CA ARG A 74 -0.63 -5.01 -21.91
C ARG A 74 0.50 -5.38 -20.96
N THR A 75 1.69 -4.90 -21.28
CA THR A 75 2.91 -5.01 -20.45
C THR A 75 3.12 -3.65 -19.78
N VAL A 76 3.20 -3.59 -18.45
CA VAL A 76 3.31 -2.33 -17.66
C VAL A 76 4.65 -2.33 -16.92
N ASP A 77 5.21 -1.14 -16.65
CA ASP A 77 6.37 -0.96 -15.72
C ASP A 77 5.91 -1.22 -14.28
N VAL A 78 6.66 -2.03 -13.54
CA VAL A 78 6.38 -2.31 -12.12
C VAL A 78 7.00 -1.21 -11.27
N ILE A 79 6.23 -0.59 -10.39
CA ILE A 79 6.72 0.49 -9.49
C ILE A 79 6.87 -0.07 -8.07
N THR A 80 8.08 -0.02 -7.53
CA THR A 80 8.29 -0.23 -6.07
C THR A 80 9.53 0.58 -5.64
N ALA A 81 9.67 0.79 -4.33
CA ALA A 81 10.74 1.68 -3.82
C ALA A 81 12.07 0.89 -3.79
N GLN A 82 13.19 1.60 -3.99
CA GLN A 82 14.59 1.18 -3.71
C GLN A 82 15.35 2.37 -3.08
N VAL A 83 15.29 2.47 -1.75
CA VAL A 83 15.75 3.64 -0.95
C VAL A 83 15.48 3.32 0.51
N VAL A 84 16.34 3.84 1.39
CA VAL A 84 16.06 3.85 2.85
C VAL A 84 14.75 4.62 3.03
N GLY A 85 13.82 4.00 3.74
CA GLY A 85 12.44 4.46 3.95
C GLY A 85 11.46 3.76 3.04
N GLY A 86 11.95 3.02 2.05
CA GLY A 86 11.12 2.32 1.06
C GLY A 86 10.02 3.20 0.52
N GLY A 87 8.80 2.67 0.45
CA GLY A 87 7.65 3.36 -0.16
C GLY A 87 7.39 4.70 0.51
N SER A 88 7.63 4.81 1.83
CA SER A 88 7.25 6.05 2.59
C SER A 88 8.04 7.24 2.05
N THR A 89 9.18 6.97 1.42
CA THR A 89 10.14 7.97 0.91
C THR A 89 9.57 8.58 -0.38
N ILE A 90 8.80 7.82 -1.15
CA ILE A 90 8.47 8.18 -2.55
C ILE A 90 6.96 8.16 -2.76
N ASN A 91 6.16 7.80 -1.72
CA ASN A 91 4.68 7.62 -1.80
C ASN A 91 3.98 8.99 -1.77
N ALA A 92 2.67 9.04 -2.03
CA ALA A 92 1.88 10.31 -2.09
C ALA A 92 1.47 10.70 -0.66
N MET A 93 2.00 10.01 0.36
CA MET A 93 1.90 10.43 1.79
C MET A 93 0.44 10.28 2.27
N VAL A 94 -0.42 9.57 1.53
CA VAL A 94 -1.83 9.26 1.95
C VAL A 94 -1.80 8.31 3.16
N TYR A 95 -2.30 8.78 4.31
CA TYR A 95 -2.13 8.08 5.58
C TYR A 95 -3.54 7.73 6.07
N LEU A 96 -3.98 6.48 5.78
CA LEU A 96 -5.33 5.93 6.11
C LEU A 96 -5.24 4.50 6.65
N ARG A 97 -5.95 4.29 7.75
CA ARG A 97 -6.16 2.94 8.35
C ARG A 97 -7.21 2.23 7.52
N GLY A 98 -7.16 0.88 7.52
CA GLY A 98 -8.24 0.01 7.02
C GLY A 98 -9.54 0.23 7.79
N ASP A 99 -10.59 -0.52 7.42
CA ASP A 99 -11.86 -0.66 8.18
C ASP A 99 -11.76 -1.82 9.16
N LYS A 100 -12.59 -1.78 10.21
CA LYS A 100 -12.53 -2.69 11.38
C LYS A 100 -12.43 -4.11 10.86
N ASP A 101 -13.39 -4.51 10.01
CA ASP A 101 -13.50 -5.88 9.47
C ASP A 101 -12.26 -6.28 8.66
N ASP A 102 -11.41 -5.35 8.19
CA ASP A 102 -10.14 -5.74 7.50
C ASP A 102 -9.34 -6.61 8.48
N TYR A 103 -9.18 -6.14 9.73
CA TYR A 103 -8.32 -6.76 10.78
C TYR A 103 -9.07 -7.94 11.44
N ASP A 104 -10.39 -7.86 11.62
CA ASP A 104 -11.25 -8.95 12.17
C ASP A 104 -11.20 -10.14 11.19
N SER A 105 -11.17 -9.84 9.89
CA SER A 105 -11.13 -10.88 8.82
C SER A 105 -9.84 -11.72 8.94
N TRP A 106 -8.68 -11.05 9.10
CA TRP A 106 -7.33 -11.65 9.26
C TRP A 106 -7.33 -12.62 10.47
N GLY A 107 -7.93 -12.21 11.58
CA GLY A 107 -8.14 -13.06 12.76
C GLY A 107 -8.99 -14.28 12.44
N ALA A 108 -10.03 -14.13 11.61
CA ALA A 108 -11.06 -15.16 11.31
C ALA A 108 -10.54 -16.13 10.25
N LEU A 109 -9.44 -15.81 9.56
CA LEU A 109 -8.77 -16.76 8.64
C LEU A 109 -7.80 -17.65 9.44
N GLY A 110 -7.76 -17.54 10.77
CA GLY A 110 -7.09 -18.51 11.67
C GLY A 110 -5.82 -17.92 12.26
N ASN A 111 -5.90 -16.66 12.68
CA ASN A 111 -4.75 -15.88 13.21
C ASN A 111 -5.16 -15.30 14.56
N PRO A 112 -5.05 -16.08 15.66
CA PRO A 112 -5.30 -15.58 17.02
C PRO A 112 -4.66 -14.20 17.29
N GLY A 113 -5.36 -13.34 18.05
CA GLY A 113 -4.93 -11.96 18.36
C GLY A 113 -5.59 -10.94 17.45
N TRP A 114 -5.41 -11.12 16.14
CA TRP A 114 -5.70 -10.16 15.04
C TRP A 114 -7.17 -9.72 15.03
N SER A 115 -7.39 -8.43 15.23
CA SER A 115 -8.72 -7.78 15.25
C SER A 115 -8.53 -6.26 15.10
N TRP A 116 -9.61 -5.49 14.87
CA TRP A 116 -9.53 -4.01 15.02
C TRP A 116 -9.05 -3.65 16.45
N ASN A 117 -9.62 -4.30 17.46
CA ASN A 117 -9.33 -3.97 18.88
C ASN A 117 -7.84 -4.19 19.21
N SER A 118 -7.19 -5.26 18.71
CA SER A 118 -5.76 -5.55 19.01
C SER A 118 -4.86 -4.61 18.17
N MET A 119 -5.30 -4.16 16.97
CA MET A 119 -4.51 -3.26 16.11
C MET A 119 -4.65 -1.83 16.58
N LEU A 120 -5.75 -1.47 17.24
CA LEU A 120 -6.00 -0.04 17.59
C LEU A 120 -4.87 0.56 18.45
N PRO A 121 -4.41 -0.08 19.57
CA PRO A 121 -3.30 0.47 20.36
C PRO A 121 -2.03 0.78 19.55
N TYR A 122 -1.63 -0.12 18.61
CA TYR A 122 -0.45 0.05 17.71
C TYR A 122 -0.62 1.22 16.72
N PHE A 123 -1.79 1.37 16.04
CA PHE A 123 -2.10 2.58 15.22
C PHE A 123 -1.83 3.86 16.04
N ILE A 124 -2.27 3.85 17.31
CA ILE A 124 -2.16 5.02 18.24
C ILE A 124 -0.69 5.24 18.61
N LYS A 125 -0.03 4.18 19.04
CA LYS A 125 1.42 4.23 19.37
C LYS A 125 2.21 4.72 18.15
N SER A 126 1.78 4.41 16.93
CA SER A 126 2.66 4.56 15.72
C SER A 126 2.94 6.04 15.44
N GLU A 127 2.18 6.98 16.02
CA GLU A 127 2.00 8.27 15.33
C GLU A 127 1.77 9.43 16.30
N THR A 128 2.01 10.64 15.79
CA THR A 128 1.60 11.94 16.38
C THR A 128 0.81 12.70 15.28
N PHE A 129 -0.49 12.86 15.55
CA PHE A 129 -1.41 13.68 14.73
C PHE A 129 -1.25 15.12 15.19
N THR A 130 -1.00 16.03 14.25
CA THR A 130 -1.02 17.49 14.51
C THR A 130 -2.27 18.10 13.88
N PRO A 131 -3.18 18.63 14.73
CA PRO A 131 -4.42 19.25 14.26
C PRO A 131 -4.16 20.37 13.26
N PRO A 132 -5.04 20.57 12.23
CA PRO A 132 -4.94 21.77 11.38
C PRO A 132 -5.34 23.01 12.19
N SER A 133 -5.14 24.20 11.63
CA SER A 133 -5.59 25.48 12.25
C SER A 133 -7.12 25.50 12.32
N PRO A 134 -7.77 26.20 13.27
CA PRO A 134 -9.23 26.16 13.38
C PRO A 134 -9.91 26.79 12.14
N GLU A 135 -9.36 27.85 11.56
CA GLU A 135 -9.98 28.50 10.37
C GLU A 135 -9.97 27.54 9.17
N LEU A 136 -8.95 26.68 9.08
CA LEU A 136 -8.90 25.69 7.97
C LEU A 136 -9.87 24.53 8.26
N ALA A 137 -9.97 24.04 9.50
CA ALA A 137 -10.92 22.97 9.82
C ALA A 137 -12.35 23.44 9.43
N ALA A 138 -12.74 24.63 9.88
CA ALA A 138 -14.10 25.15 9.66
C ALA A 138 -14.31 25.41 8.16
N ALA A 139 -13.40 26.11 7.48
CA ALA A 139 -13.57 26.43 6.04
C ALA A 139 -13.51 25.16 5.19
N GLY A 140 -12.69 24.17 5.57
CA GLY A 140 -12.40 22.96 4.76
C GLY A 140 -13.33 21.77 5.04
N ASN A 141 -14.06 21.81 6.16
CA ASN A 141 -14.86 20.68 6.72
C ASN A 141 -13.88 19.53 7.04
N ILE A 142 -12.78 19.87 7.72
CA ILE A 142 -11.81 18.90 8.31
C ILE A 142 -12.35 18.49 9.69
N THR A 143 -12.60 17.20 9.89
CA THR A 143 -13.02 16.66 11.20
C THR A 143 -12.14 15.46 11.53
N TRP A 144 -11.97 15.19 12.83
CA TRP A 144 -11.22 14.04 13.37
C TRP A 144 -11.78 13.69 14.75
N ASP A 145 -11.48 12.47 15.21
CA ASP A 145 -11.80 12.02 16.59
C ASP A 145 -10.44 11.95 17.28
N GLY A 146 -10.15 12.98 18.08
CA GLY A 146 -8.89 13.10 18.83
C GLY A 146 -8.64 11.85 19.65
N SER A 147 -9.71 11.16 20.02
CA SER A 147 -9.64 10.06 21.01
C SER A 147 -8.96 8.83 20.37
N ILE A 148 -8.91 8.72 19.04
CA ILE A 148 -8.41 7.50 18.35
C ILE A 148 -7.21 7.85 17.47
N ARG A 149 -6.65 9.05 17.62
CA ARG A 149 -5.44 9.51 16.87
C ARG A 149 -4.30 9.67 17.89
N GLY A 150 -3.12 9.06 17.61
CA GLY A 150 -1.93 9.11 18.48
C GLY A 150 -1.43 10.54 18.66
N ARG A 151 -0.80 10.81 19.81
CA ARG A 151 -0.18 12.14 20.11
C ARG A 151 1.30 11.98 20.52
N SER A 152 1.87 10.79 20.62
CA SER A 152 3.22 10.58 21.24
C SER A 152 4.16 9.81 20.31
N GLY A 153 3.66 9.21 19.24
CA GLY A 153 4.43 8.25 18.43
C GLY A 153 5.27 8.97 17.38
N PRO A 154 6.21 8.26 16.74
CA PRO A 154 7.15 8.88 15.83
C PRO A 154 6.60 9.43 14.50
N VAL A 155 5.62 8.76 13.88
CA VAL A 155 5.13 9.17 12.52
C VAL A 155 4.27 10.43 12.68
N ASN A 156 4.76 11.54 12.10
CA ASN A 156 4.00 12.81 12.08
C ASN A 156 3.00 12.69 10.90
N TYR A 157 1.76 13.06 11.18
CA TYR A 157 0.72 13.32 10.15
C TYR A 157 -0.16 14.50 10.59
N SER A 158 -0.68 15.17 9.56
CA SER A 158 -1.51 16.39 9.65
C SER A 158 -2.21 16.51 8.27
N TYR A 159 -2.46 17.73 7.84
CA TYR A 159 -3.10 18.05 6.54
C TYR A 159 -2.31 19.18 5.91
N PRO A 160 -2.40 19.39 4.59
CA PRO A 160 -1.95 20.64 4.00
C PRO A 160 -2.66 21.79 4.72
N ASN A 161 -2.20 23.02 4.50
CA ASN A 161 -2.66 24.26 5.19
C ASN A 161 -3.39 25.15 4.17
N TYR A 162 -3.70 24.53 3.04
CA TYR A 162 -4.36 25.16 1.86
C TYR A 162 -5.26 24.11 1.21
N PHE A 163 -6.36 24.55 0.58
CA PHE A 163 -7.14 23.77 -0.44
C PHE A 163 -7.40 24.63 -1.69
N PHE A 164 -7.38 23.97 -2.86
CA PHE A 164 -7.80 24.56 -4.15
C PHE A 164 -9.31 24.81 -4.08
N PRO A 165 -9.85 25.92 -4.62
CA PRO A 165 -11.25 26.27 -4.40
C PRO A 165 -12.18 25.19 -4.97
N GLY A 166 -11.80 24.56 -6.10
CA GLY A 166 -12.58 23.49 -6.79
C GLY A 166 -12.89 22.28 -5.91
N SER A 167 -12.05 21.98 -4.93
CA SER A 167 -12.23 20.87 -3.96
C SER A 167 -13.56 21.06 -3.17
N GLU A 168 -14.04 22.31 -3.08
CA GLU A 168 -15.36 22.64 -2.48
C GLU A 168 -16.49 22.14 -3.40
N ASN A 169 -16.45 22.50 -4.69
CA ASN A 169 -17.42 22.01 -5.71
C ASN A 169 -17.51 20.49 -5.64
N TRP A 170 -16.36 19.82 -5.53
CA TRP A 170 -16.28 18.34 -5.62
C TRP A 170 -16.95 17.73 -4.38
N TRP A 171 -16.65 18.30 -3.21
CA TRP A 171 -17.17 17.87 -1.89
C TRP A 171 -18.70 17.91 -1.90
N ASN A 172 -19.29 19.04 -2.30
CA ASN A 172 -20.76 19.26 -2.36
C ASN A 172 -21.40 18.31 -3.39
N ALA A 173 -20.80 18.16 -4.59
CA ALA A 173 -21.23 17.18 -5.61
C ALA A 173 -21.17 15.76 -5.02
N ALA A 174 -20.09 15.36 -4.37
CA ALA A 174 -20.01 14.02 -3.72
C ALA A 174 -21.15 13.87 -2.69
N ASN A 175 -21.33 14.87 -1.83
CA ASN A 175 -22.48 14.97 -0.88
C ASN A 175 -23.79 14.75 -1.65
N GLU A 176 -23.90 15.34 -2.85
CA GLU A 176 -25.18 15.43 -3.59
C GLU A 176 -25.56 14.04 -4.15
N VAL A 177 -24.58 13.15 -4.33
CA VAL A 177 -24.79 11.81 -4.97
C VAL A 177 -24.42 10.71 -3.97
N GLY A 178 -24.68 10.95 -2.67
CA GLY A 178 -24.78 9.89 -1.65
C GLY A 178 -23.47 9.59 -0.92
N LEU A 179 -22.50 10.50 -0.98
CA LEU A 179 -21.20 10.33 -0.29
C LEU A 179 -21.07 11.41 0.79
N PRO A 180 -21.49 11.12 2.04
CA PRO A 180 -21.60 12.17 3.05
C PRO A 180 -20.28 12.43 3.76
N PRO A 181 -20.21 13.52 4.57
CA PRO A 181 -19.04 13.78 5.41
C PRO A 181 -18.82 12.63 6.39
N VAL A 182 -17.56 12.16 6.44
CA VAL A 182 -17.08 11.11 7.39
C VAL A 182 -16.37 11.82 8.55
N LYS A 183 -16.78 11.56 9.78
CA LYS A 183 -16.26 12.27 10.98
C LYS A 183 -14.75 12.04 11.08
N ASP A 184 -14.31 10.78 10.93
CA ASP A 184 -12.88 10.35 11.00
C ASP A 184 -12.65 9.05 10.24
N PRO A 185 -12.03 9.11 9.04
CA PRO A 185 -11.75 7.92 8.23
C PRO A 185 -10.76 6.94 8.88
N MET A 186 -10.20 7.34 10.03
CA MET A 186 -9.27 6.55 10.89
C MET A 186 -10.01 5.82 12.02
N ALA A 187 -11.35 5.90 12.10
CA ALA A 187 -12.14 5.28 13.20
C ALA A 187 -12.62 3.87 12.82
N GLY A 188 -12.19 3.28 11.68
CA GLY A 188 -12.59 1.90 11.27
C GLY A 188 -13.73 1.84 10.23
N SER A 189 -14.25 3.00 9.80
CA SER A 189 -15.19 3.15 8.66
C SER A 189 -14.90 4.48 7.97
N LYS A 190 -15.22 4.65 6.69
CA LYS A 190 -14.86 5.83 5.86
C LYS A 190 -15.88 5.97 4.70
N GLN A 191 -17.16 5.75 5.02
CA GLN A 191 -18.25 5.73 3.99
C GLN A 191 -18.59 7.18 3.60
N GLY A 192 -17.88 7.74 2.61
CA GLY A 192 -18.16 9.09 2.04
C GLY A 192 -16.88 9.89 1.86
N VAL A 193 -16.93 11.19 2.18
CA VAL A 193 -15.77 12.07 1.84
C VAL A 193 -15.13 12.62 3.12
N PHE A 194 -13.83 12.86 3.01
CA PHE A 194 -13.02 13.36 4.15
C PHE A 194 -11.74 13.99 3.60
N TRP A 195 -11.11 14.83 4.40
CA TRP A 195 -9.70 15.23 4.17
C TRP A 195 -8.79 14.01 4.30
N ILE A 196 -7.89 13.88 3.33
CA ILE A 196 -6.75 12.93 3.30
C ILE A 196 -5.83 13.30 4.46
N PRO A 197 -5.70 12.44 5.49
CA PRO A 197 -4.61 12.63 6.43
C PRO A 197 -3.32 12.38 5.63
N SER A 198 -2.35 13.31 5.75
CA SER A 198 -1.04 13.33 5.05
C SER A 198 0.11 13.17 6.06
N ALA A 199 1.06 12.28 5.75
CA ALA A 199 2.22 11.91 6.61
C ALA A 199 3.31 13.00 6.51
N ILE A 200 2.95 14.21 6.92
CA ILE A 200 3.75 15.47 6.83
C ILE A 200 4.04 15.92 8.27
N ASP A 201 5.23 16.45 8.49
CA ASP A 201 5.64 17.12 9.76
C ASP A 201 5.24 18.60 9.62
N ALA A 202 4.28 19.07 10.41
CA ALA A 202 3.68 20.42 10.27
C ALA A 202 4.65 21.49 10.80
N ARG A 203 5.70 21.10 11.54
CA ARG A 203 6.72 22.07 11.99
C ARG A 203 7.44 22.59 10.74
N THR A 204 7.65 21.73 9.74
CA THR A 204 8.45 22.06 8.52
C THR A 204 7.60 21.98 7.23
N MET A 205 6.37 21.44 7.25
CA MET A 205 5.61 21.13 6.00
C MET A 205 6.50 20.30 5.03
N THR A 206 7.10 19.22 5.55
CA THR A 206 7.95 18.28 4.79
C THR A 206 7.55 16.83 5.11
N ARG A 207 7.72 15.94 4.13
CA ARG A 207 7.46 14.48 4.27
C ARG A 207 7.96 13.96 5.61
N SER A 208 7.13 13.20 6.34
CA SER A 208 7.58 12.40 7.50
C SER A 208 7.69 10.91 7.09
N HIS A 209 8.81 10.51 6.47
CA HIS A 209 9.04 9.11 5.96
C HIS A 209 9.81 8.30 7.01
N ALA A 210 9.81 6.97 6.89
CA ALA A 210 10.37 5.98 7.87
C ALA A 210 11.84 6.28 8.17
N ARG A 211 12.55 6.73 7.14
CA ARG A 211 13.99 7.12 7.24
C ARG A 211 14.15 8.26 8.28
N ARG A 212 13.34 9.33 8.25
CA ARG A 212 13.39 10.38 9.31
C ARG A 212 12.85 9.87 10.65
N ASN A 213 11.66 9.26 10.69
CA ASN A 213 10.88 9.07 11.94
C ASN A 213 11.20 7.70 12.58
N HIS A 214 11.85 6.78 11.86
CA HIS A 214 12.29 5.48 12.43
C HIS A 214 13.80 5.23 12.22
N TYR A 215 14.58 6.22 11.76
CA TYR A 215 16.06 6.13 11.68
C TYR A 215 16.73 7.45 12.13
N ASP A 216 16.74 8.50 11.32
CA ASP A 216 17.36 9.79 11.75
C ASP A 216 16.97 10.08 13.20
N ARG A 217 15.74 9.78 13.57
CA ARG A 217 15.22 10.18 14.90
C ARG A 217 16.09 9.55 16.01
N VAL A 218 16.63 8.34 15.76
CA VAL A 218 17.27 7.50 16.82
C VAL A 218 18.67 7.09 16.37
N SER A 219 19.20 7.70 15.29
CA SER A 219 20.45 7.29 14.59
C SER A 219 21.69 7.58 15.47
N SER A 220 21.53 8.33 16.57
CA SER A 220 22.56 8.49 17.63
C SER A 220 22.93 7.13 18.25
N ARG A 221 22.06 6.11 18.14
CA ARG A 221 22.24 4.86 18.91
C ARG A 221 23.28 4.00 18.22
N PRO A 222 24.36 3.62 18.95
CA PRO A 222 25.41 2.73 18.43
C PRO A 222 24.90 1.35 17.98
N ASN A 223 23.86 0.83 18.64
CA ASN A 223 23.35 -0.55 18.43
C ASN A 223 22.43 -0.65 17.21
N TYR A 224 22.17 0.47 16.52
CA TYR A 224 21.25 0.53 15.33
C TYR A 224 22.07 0.70 14.05
N HIS A 225 22.48 -0.41 13.43
CA HIS A 225 23.38 -0.38 12.25
C HIS A 225 22.54 -0.35 10.97
N ILE A 226 22.90 0.49 9.99
CA ILE A 226 22.33 0.45 8.61
C ILE A 226 23.44 0.29 7.56
N LEU A 227 23.17 -0.54 6.56
CA LEU A 227 24.04 -0.74 5.40
C LEU A 227 23.22 -0.45 4.13
N PRO A 228 23.19 0.80 3.63
CA PRO A 228 22.49 1.05 2.37
C PRO A 228 23.22 0.43 1.19
N SER A 229 22.48 0.31 0.08
CA SER A 229 22.98 -0.07 -1.28
C SER A 229 23.49 -1.53 -1.32
N HIS A 230 22.91 -2.42 -0.51
CA HIS A 230 23.28 -3.87 -0.46
C HIS A 230 22.00 -4.71 -0.41
N LEU A 231 21.97 -5.82 -1.18
CA LEU A 231 20.89 -6.84 -1.23
C LEU A 231 21.18 -8.02 -0.30
N VAL A 232 20.17 -8.44 0.44
CA VAL A 232 20.09 -9.84 0.90
C VAL A 232 19.79 -10.69 -0.33
N SER A 233 20.74 -11.59 -0.62
CA SER A 233 20.83 -12.54 -1.76
C SER A 233 20.42 -13.95 -1.33
N LYS A 234 20.39 -14.23 -0.01
CA LYS A 234 20.07 -15.58 0.53
C LYS A 234 20.05 -15.57 2.08
N ILE A 235 19.21 -16.44 2.66
CA ILE A 235 19.21 -16.77 4.12
C ILE A 235 20.15 -17.95 4.33
N LEU A 236 20.90 -17.91 5.43
CA LEU A 236 21.89 -18.95 5.83
C LEU A 236 21.27 -19.70 7.00
N PHE A 237 21.42 -21.04 6.99
CA PHE A 237 20.82 -21.98 7.98
C PHE A 237 21.87 -22.91 8.61
N ARG A 238 21.73 -23.15 9.93
CA ARG A 238 22.16 -24.41 10.61
C ARG A 238 20.92 -25.30 10.82
N GLY A 239 20.78 -26.30 9.94
CA GLY A 239 19.61 -27.19 9.85
C GLY A 239 18.37 -26.43 9.43
N LYS A 240 17.42 -26.30 10.36
CA LYS A 240 16.11 -25.58 10.19
C LYS A 240 16.18 -24.16 10.79
N GLN A 241 17.24 -23.80 11.52
CA GLN A 241 17.45 -22.47 12.14
C GLN A 241 18.08 -21.49 11.13
N ALA A 242 17.50 -20.30 10.96
CA ALA A 242 18.09 -19.13 10.25
C ALA A 242 18.98 -18.42 11.26
N ILE A 243 20.25 -18.28 10.84
CA ILE A 243 21.43 -17.87 11.66
C ILE A 243 21.99 -16.54 11.10
N GLY A 244 21.87 -16.33 9.79
CA GLY A 244 22.37 -15.13 9.10
C GLY A 244 21.89 -15.06 7.66
N VAL A 245 22.55 -14.23 6.86
CA VAL A 245 22.19 -13.96 5.44
C VAL A 245 23.49 -13.69 4.63
N SER A 246 23.46 -13.98 3.33
CA SER A 246 24.45 -13.48 2.36
C SER A 246 23.94 -12.15 1.79
N TYR A 247 24.84 -11.19 1.63
CA TYR A 247 24.56 -9.88 0.97
C TYR A 247 25.63 -9.56 -0.09
N ILE A 248 25.16 -8.87 -1.14
CA ILE A 248 25.93 -8.43 -2.34
C ILE A 248 25.71 -6.93 -2.52
N PRO A 249 26.60 -6.19 -3.21
CA PRO A 249 26.30 -4.82 -3.57
C PRO A 249 25.17 -4.82 -4.62
N THR A 250 24.28 -3.83 -4.53
CA THR A 250 23.08 -3.65 -5.38
C THR A 250 23.52 -3.39 -6.81
N SER A 251 24.63 -2.68 -6.99
CA SER A 251 25.18 -2.25 -8.30
C SER A 251 25.76 -3.44 -9.07
N GLY A 252 25.94 -4.60 -8.44
CA GLY A 252 26.20 -5.89 -9.13
C GLY A 252 27.68 -6.23 -9.20
N GLY A 253 28.50 -5.67 -8.31
CA GLY A 253 29.92 -6.02 -8.12
C GLY A 253 30.09 -7.46 -7.63
N ASN A 254 31.01 -8.21 -8.24
CA ASN A 254 31.37 -9.58 -7.83
C ASN A 254 31.81 -9.65 -6.35
N THR A 255 30.87 -9.58 -5.39
CA THR A 255 31.17 -9.70 -3.93
C THR A 255 29.99 -10.30 -3.19
N THR A 256 30.24 -11.27 -2.32
CA THR A 256 29.23 -11.92 -1.45
C THR A 256 29.77 -11.81 -0.04
N THR A 257 28.91 -11.71 0.97
CA THR A 257 29.37 -11.56 2.38
C THR A 257 28.33 -12.23 3.27
N ASN A 258 28.77 -13.00 4.25
CA ASN A 258 27.87 -13.63 5.24
C ASN A 258 27.97 -12.81 6.54
N VAL A 259 26.82 -12.39 7.06
CA VAL A 259 26.68 -11.85 8.45
C VAL A 259 25.69 -12.77 9.18
N TYR A 260 25.83 -12.91 10.49
CA TYR A 260 25.09 -13.91 11.31
C TYR A 260 24.34 -13.14 12.41
N ALA A 261 23.22 -13.67 12.93
CA ALA A 261 22.49 -13.08 14.08
C ALA A 261 22.28 -14.10 15.22
N SER A 262 22.36 -13.60 16.43
CA SER A 262 22.26 -14.36 17.69
C SER A 262 20.82 -14.84 17.94
N LYS A 263 19.79 -14.09 17.51
CA LYS A 263 18.35 -14.45 17.75
C LYS A 263 17.65 -14.76 16.42
N GLU A 264 17.20 -13.74 15.66
CA GLU A 264 16.37 -13.99 14.44
C GLU A 264 16.82 -13.20 13.22
N ILE A 265 16.36 -13.65 12.06
CA ILE A 265 16.27 -12.87 10.79
C ILE A 265 14.82 -12.39 10.58
N THR A 266 14.65 -11.12 10.21
CA THR A 266 13.35 -10.57 9.75
C THR A 266 13.46 -10.22 8.26
N LEU A 267 12.57 -10.74 7.41
CA LEU A 267 12.46 -10.28 6.01
C LEU A 267 11.49 -9.08 6.00
N ALA A 268 11.84 -8.00 5.29
CA ALA A 268 11.12 -6.69 5.23
C ALA A 268 11.31 -6.07 3.85
N ALA A 269 11.37 -6.90 2.81
CA ALA A 269 11.82 -6.53 1.46
C ALA A 269 10.57 -6.30 0.56
N GLY A 270 9.39 -6.19 1.19
CA GLY A 270 8.14 -5.81 0.50
C GLY A 270 7.60 -6.97 -0.35
N GLY A 271 6.41 -6.77 -0.93
CA GLY A 271 5.66 -7.81 -1.64
C GLY A 271 6.45 -8.38 -2.80
N LEU A 272 7.31 -7.58 -3.44
CA LEU A 272 8.07 -8.04 -4.64
C LEU A 272 9.50 -8.49 -4.29
N GLY A 273 9.98 -8.30 -3.06
CA GLY A 273 11.35 -8.64 -2.62
C GLY A 273 11.45 -9.79 -1.62
N THR A 274 10.51 -9.94 -0.67
CA THR A 274 10.51 -10.98 0.40
C THR A 274 10.32 -12.38 -0.19
N PRO A 275 9.38 -12.60 -1.14
CA PRO A 275 9.17 -13.91 -1.73
C PRO A 275 10.44 -14.40 -2.41
N LYS A 276 11.18 -13.47 -3.05
CA LYS A 276 12.43 -13.75 -3.79
C LYS A 276 13.50 -14.22 -2.79
N ILE A 277 13.65 -13.54 -1.66
CA ILE A 277 14.62 -14.01 -0.63
C ILE A 277 14.27 -15.45 -0.23
N LEU A 278 13.00 -15.76 -0.02
CA LEU A 278 12.54 -17.13 0.41
C LEU A 278 12.85 -18.18 -0.68
N GLN A 279 12.40 -17.92 -1.90
CA GLN A 279 12.55 -18.88 -3.04
C GLN A 279 14.05 -19.20 -3.23
N LEU A 280 14.95 -18.20 -3.27
CA LEU A 280 16.41 -18.41 -3.49
C LEU A 280 16.98 -19.17 -2.29
N SER A 281 16.40 -18.97 -1.11
CA SER A 281 16.85 -19.63 0.14
C SER A 281 16.31 -21.05 0.26
N GLY A 282 15.59 -21.58 -0.75
CA GLY A 282 14.89 -22.89 -0.73
C GLY A 282 13.63 -22.91 0.15
N ILE A 283 12.98 -21.77 0.33
CA ILE A 283 11.63 -21.70 0.98
C ILE A 283 10.61 -21.21 -0.07
N GLY A 284 9.82 -22.13 -0.61
CA GLY A 284 9.02 -21.91 -1.83
C GLY A 284 8.23 -23.14 -2.23
N PRO A 285 7.47 -23.07 -3.33
CA PRO A 285 6.87 -24.26 -3.94
C PRO A 285 7.92 -25.23 -4.49
N ARG A 286 7.98 -26.46 -3.97
CA ARG A 286 8.83 -27.59 -4.48
C ARG A 286 8.95 -27.60 -6.02
N LYS A 287 7.89 -27.39 -6.79
CA LYS A 287 7.93 -27.44 -8.28
C LYS A 287 8.88 -26.37 -8.82
N LEU A 288 8.77 -25.14 -8.30
CA LEU A 288 9.58 -24.00 -8.79
C LEU A 288 11.05 -24.26 -8.44
N LEU A 289 11.31 -24.61 -7.18
CA LEU A 289 12.67 -24.88 -6.64
C LEU A 289 13.30 -26.06 -7.43
N ASN A 290 12.59 -27.19 -7.62
CA ASN A 290 13.10 -28.35 -8.40
C ASN A 290 13.55 -27.85 -9.78
N GLU A 291 12.65 -27.26 -10.58
CA GLU A 291 12.92 -26.72 -11.94
C GLU A 291 14.23 -25.91 -12.00
N LEU A 292 14.66 -25.31 -10.88
CA LEU A 292 15.83 -24.39 -10.80
C LEU A 292 17.01 -25.03 -10.05
N GLY A 293 16.83 -26.24 -9.52
CA GLY A 293 17.87 -26.93 -8.72
C GLY A 293 18.26 -26.09 -7.52
N ILE A 294 17.25 -25.66 -6.77
CA ILE A 294 17.43 -25.04 -5.42
C ILE A 294 17.03 -26.11 -4.40
N PRO A 295 17.99 -26.65 -3.58
CA PRO A 295 17.64 -27.48 -2.42
C PRO A 295 16.41 -26.95 -1.66
N VAL A 296 15.44 -27.83 -1.40
CA VAL A 296 14.18 -27.45 -0.68
C VAL A 296 14.40 -27.58 0.83
N ILE A 297 14.36 -26.45 1.55
CA ILE A 297 14.38 -26.37 3.04
C ILE A 297 12.96 -26.44 3.61
N SER A 298 12.00 -25.72 3.01
CA SER A 298 10.56 -25.67 3.44
C SER A 298 9.64 -25.53 2.22
N ASP A 299 8.95 -26.63 1.86
CA ASP A 299 7.91 -26.70 0.79
C ASP A 299 6.68 -25.93 1.32
N LEU A 300 6.64 -24.66 0.90
CA LEU A 300 5.57 -23.65 1.12
C LEU A 300 5.12 -23.18 -0.27
N PRO A 301 4.08 -23.79 -0.87
CA PRO A 301 3.67 -23.43 -2.22
C PRO A 301 3.01 -22.05 -2.31
N GLY A 302 2.68 -21.45 -1.16
CA GLY A 302 2.10 -20.09 -1.04
C GLY A 302 3.10 -18.95 -1.30
N VAL A 303 4.39 -19.19 -1.01
CA VAL A 303 5.49 -18.25 -1.35
C VAL A 303 5.37 -17.80 -2.82
N GLY A 304 5.05 -16.52 -3.05
CA GLY A 304 5.01 -15.88 -4.38
C GLY A 304 3.63 -15.97 -5.01
N GLN A 305 2.74 -16.72 -4.37
CA GLN A 305 1.30 -16.81 -4.76
C GLN A 305 0.57 -15.64 -4.08
N ASN A 306 -0.67 -15.36 -4.49
CA ASN A 306 -1.61 -14.46 -3.75
C ASN A 306 -1.21 -12.97 -3.86
N LEU A 307 -0.50 -12.59 -4.92
CA LEU A 307 -0.08 -11.17 -5.12
C LEU A 307 -1.36 -10.35 -5.31
N GLN A 308 -1.46 -9.22 -4.60
CA GLN A 308 -2.56 -8.23 -4.76
C GLN A 308 -1.94 -6.84 -4.91
N ASP A 309 -2.63 -5.95 -5.62
CA ASP A 309 -2.38 -4.48 -5.64
C ASP A 309 -3.75 -3.83 -5.49
N GLN A 310 -3.84 -2.52 -5.69
CA GLN A 310 -5.14 -1.76 -5.70
C GLN A 310 -5.16 -0.99 -7.01
N PRO A 311 -5.71 -1.55 -8.10
CA PRO A 311 -5.66 -0.90 -9.41
C PRO A 311 -6.16 0.55 -9.46
N THR A 312 -5.59 1.31 -10.39
CA THR A 312 -5.93 2.75 -10.58
C THR A 312 -6.48 2.92 -11.98
N LEU A 313 -7.37 3.90 -12.10
CA LEU A 313 -7.88 4.41 -13.40
C LEU A 313 -7.80 5.94 -13.38
N THR A 314 -7.19 6.52 -14.41
CA THR A 314 -7.16 8.00 -14.60
C THR A 314 -8.17 8.33 -15.67
N ILE A 315 -9.17 9.13 -15.31
CA ILE A 315 -10.28 9.54 -16.23
C ILE A 315 -10.04 10.99 -16.65
N PRO A 316 -9.73 11.24 -17.94
CA PRO A 316 -9.47 12.61 -18.41
C PRO A 316 -10.77 13.41 -18.60
N TYR A 317 -10.71 14.70 -18.29
CA TYR A 317 -11.80 15.69 -18.46
C TYR A 317 -11.29 16.93 -19.21
N THR A 318 -12.23 17.66 -19.79
CA THR A 318 -12.04 19.11 -20.12
C THR A 318 -13.15 19.86 -19.38
N PHE A 319 -12.97 21.17 -19.20
CA PHE A 319 -13.91 22.06 -18.48
C PHE A 319 -14.13 23.28 -19.36
N THR A 320 -15.38 23.76 -19.45
CA THR A 320 -15.70 25.06 -20.08
C THR A 320 -15.41 26.19 -19.08
N ASN A 321 -15.40 25.89 -17.77
CA ASN A 321 -15.46 26.95 -16.73
C ASN A 321 -14.84 26.45 -15.42
N ASN A 322 -13.61 25.90 -15.46
CA ASN A 322 -12.86 25.44 -14.25
C ASN A 322 -12.38 26.64 -13.44
N VAL A 323 -12.42 26.54 -12.11
CA VAL A 323 -12.03 27.66 -11.21
C VAL A 323 -10.48 27.73 -11.10
N PHE A 324 -9.93 28.97 -11.15
CA PHE A 324 -8.51 29.32 -10.87
C PHE A 324 -8.36 29.78 -9.41
N PRO A 325 -7.31 29.35 -8.68
CA PRO A 325 -6.30 28.44 -9.21
C PRO A 325 -6.75 26.98 -9.02
N ASN A 326 -6.03 26.04 -9.64
CA ASN A 326 -6.20 24.58 -9.38
C ASN A 326 -4.85 23.87 -9.54
N THR A 327 -4.77 22.56 -9.25
CA THR A 327 -3.48 21.83 -9.34
C THR A 327 -2.86 22.05 -10.73
N ASP A 328 -3.61 22.14 -11.83
CA ASP A 328 -2.95 22.23 -13.16
C ASP A 328 -2.26 23.59 -13.36
N SER A 329 -2.66 24.63 -12.60
CA SER A 329 -2.07 26.01 -12.61
C SER A 329 -0.58 25.96 -12.29
N LEU A 330 -0.18 25.08 -11.36
CA LEU A 330 1.23 24.79 -10.96
C LEU A 330 2.08 24.32 -12.14
N THR A 331 1.50 23.70 -13.16
CA THR A 331 2.22 23.20 -14.37
C THR A 331 2.25 24.30 -15.45
N THR A 332 1.10 24.90 -15.75
CA THR A 332 0.84 25.71 -16.97
C THR A 332 1.11 27.20 -16.69
N ASN A 333 1.11 27.64 -15.43
CA ASN A 333 1.20 29.07 -15.04
C ASN A 333 2.50 29.27 -14.24
N ALA A 334 3.63 29.52 -14.93
CA ALA A 334 4.98 29.65 -14.33
C ALA A 334 4.93 30.69 -13.19
N THR A 335 4.21 31.79 -13.38
CA THR A 335 4.02 32.87 -12.37
C THR A 335 3.38 32.32 -11.09
N TYR A 336 2.24 31.60 -11.22
CA TYR A 336 1.47 31.01 -10.08
C TYR A 336 2.41 30.04 -9.35
N ASN A 337 3.06 29.17 -10.11
CA ASN A 337 4.04 28.20 -9.55
C ASN A 337 5.05 28.97 -8.65
N ALA A 338 5.72 29.99 -9.21
CA ALA A 338 6.84 30.69 -8.56
C ALA A 338 6.31 31.41 -7.31
N GLU A 339 5.20 32.14 -7.45
CA GLU A 339 4.50 32.83 -6.31
C GLU A 339 4.20 31.83 -5.17
N GLN A 340 3.70 30.62 -5.47
CA GLN A 340 3.41 29.58 -4.43
C GLN A 340 4.72 28.96 -3.91
N ARG A 341 5.77 28.85 -4.74
CA ARG A 341 7.05 28.26 -4.23
C ARG A 341 7.66 29.29 -3.28
N ALA A 342 7.69 30.56 -3.69
CA ALA A 342 8.15 31.70 -2.87
C ALA A 342 7.35 31.73 -1.57
N LEU A 343 6.02 31.56 -1.65
CA LEU A 343 5.16 31.62 -0.45
C LEU A 343 5.49 30.44 0.49
N TYR A 344 5.77 29.26 -0.07
CA TYR A 344 6.18 28.05 0.72
C TYR A 344 7.53 28.31 1.42
N ASP A 345 8.50 28.84 0.69
CA ASP A 345 9.90 29.05 1.15
C ASP A 345 9.91 30.10 2.29
N SER A 346 9.07 31.13 2.16
CA SER A 346 8.94 32.20 3.15
C SER A 346 8.20 31.71 4.40
N SER A 347 6.91 31.37 4.28
CA SER A 347 5.99 31.23 5.45
C SER A 347 5.33 29.84 5.48
N LYS A 348 5.77 28.92 4.59
CA LYS A 348 5.41 27.48 4.56
C LYS A 348 3.89 27.33 4.38
N GLN A 349 3.29 28.25 3.63
CA GLN A 349 1.85 28.30 3.31
C GLN A 349 1.66 27.82 1.86
N GLY A 350 0.45 27.35 1.52
CA GLY A 350 -0.06 27.35 0.13
C GLY A 350 0.01 26.01 -0.55
N ALA A 351 -0.06 26.05 -1.88
CA ALA A 351 -0.23 24.87 -2.77
C ALA A 351 0.89 23.83 -2.58
N TYR A 352 2.12 24.25 -2.25
CA TYR A 352 3.30 23.37 -2.06
C TYR A 352 3.18 22.52 -0.79
N THR A 353 2.16 22.72 0.06
CA THR A 353 1.94 21.84 1.25
C THR A 353 1.20 20.57 0.84
N ILE A 354 0.62 20.56 -0.36
CA ILE A 354 -0.19 19.45 -0.92
C ILE A 354 0.69 18.68 -1.91
N VAL A 355 0.64 17.33 -1.87
CA VAL A 355 1.42 16.45 -2.79
C VAL A 355 1.03 16.78 -4.23
N ASN A 356 2.01 17.10 -5.08
CA ASN A 356 1.75 17.59 -6.46
C ASN A 356 0.75 16.63 -7.16
N SER A 357 -0.32 17.21 -7.73
CA SER A 357 -1.37 16.59 -8.60
C SER A 357 -2.58 16.05 -7.79
N LEU A 358 -2.51 16.06 -6.45
CA LEU A 358 -3.62 15.69 -5.54
C LEU A 358 -4.38 16.96 -5.11
N SER A 359 -5.54 16.70 -4.52
CA SER A 359 -6.34 17.68 -3.75
C SER A 359 -6.28 17.27 -2.27
N THR A 360 -7.13 17.86 -1.46
CA THR A 360 -7.13 17.74 0.02
C THR A 360 -8.20 16.72 0.48
N ASN A 361 -9.26 16.47 -0.34
CA ASN A 361 -10.39 15.57 0.04
C ASN A 361 -10.41 14.34 -0.88
N ILE A 362 -11.21 13.36 -0.47
CA ILE A 362 -11.27 12.02 -1.10
C ILE A 362 -12.60 11.39 -0.65
N GLY A 363 -13.09 10.45 -1.46
CA GLY A 363 -14.26 9.62 -1.14
C GLY A 363 -13.90 8.15 -1.18
N VAL A 364 -14.46 7.38 -0.23
CA VAL A 364 -14.43 5.89 -0.24
C VAL A 364 -15.89 5.41 -0.10
N MET A 365 -16.22 4.30 -0.79
CA MET A 365 -17.58 3.69 -0.79
C MET A 365 -17.50 2.15 -0.69
N SER A 366 -18.44 1.57 0.05
CA SER A 366 -18.86 0.14 0.02
C SER A 366 -19.46 -0.22 -1.34
N LEU A 367 -19.62 -1.53 -1.59
CA LEU A 367 -20.24 -2.01 -2.85
C LEU A 367 -21.68 -1.46 -2.96
N GLN A 368 -22.45 -1.48 -1.87
CA GLN A 368 -23.87 -1.07 -1.93
C GLN A 368 -24.01 0.46 -1.99
N ARG A 369 -23.01 1.21 -1.58
CA ARG A 369 -23.00 2.68 -1.82
C ARG A 369 -22.68 2.92 -3.30
N ALA A 370 -21.74 2.17 -3.89
CA ALA A 370 -21.40 2.36 -5.32
C ALA A 370 -22.60 2.01 -6.20
N ALA A 371 -23.22 0.88 -5.90
CA ALA A 371 -24.28 0.30 -6.76
C ALA A 371 -25.47 -0.14 -5.91
N PRO A 372 -26.31 0.83 -5.45
CA PRO A 372 -27.44 0.52 -4.56
C PRO A 372 -28.49 -0.38 -5.22
N LYS A 373 -28.61 -0.29 -6.56
CA LYS A 373 -29.62 -1.03 -7.37
C LYS A 373 -29.10 -2.42 -7.81
N SER A 374 -27.79 -2.64 -7.94
CA SER A 374 -27.29 -3.89 -8.54
C SER A 374 -26.32 -4.65 -7.62
N TYR A 375 -25.92 -4.15 -6.44
CA TYR A 375 -24.88 -4.83 -5.62
C TYR A 375 -25.22 -6.32 -5.36
N ARG A 376 -26.50 -6.68 -5.25
CA ARG A 376 -26.94 -8.08 -4.95
C ARG A 376 -26.69 -8.99 -6.16
N GLN A 377 -26.89 -8.45 -7.37
CA GLN A 377 -26.55 -9.16 -8.63
C GLN A 377 -25.04 -9.40 -8.71
N ILE A 378 -24.21 -8.45 -8.25
CA ILE A 378 -22.73 -8.63 -8.28
C ILE A 378 -22.32 -9.71 -7.26
N ILE A 379 -22.89 -9.63 -6.06
CA ILE A 379 -22.55 -10.58 -4.97
C ILE A 379 -22.94 -11.98 -5.42
N ALA A 380 -24.13 -12.13 -6.03
CA ALA A 380 -24.68 -13.43 -6.48
C ALA A 380 -23.70 -14.11 -7.46
N ALA A 381 -23.34 -13.41 -8.54
CA ALA A 381 -22.32 -13.84 -9.51
C ALA A 381 -21.06 -14.29 -8.77
N ALA A 382 -20.62 -13.52 -7.77
CA ALA A 382 -19.37 -13.82 -7.04
C ALA A 382 -19.57 -15.12 -6.26
N ARG A 383 -20.72 -15.27 -5.58
CA ARG A 383 -21.02 -16.44 -4.72
C ARG A 383 -21.23 -17.69 -5.59
N ALA A 384 -21.65 -17.50 -6.85
CA ALA A 384 -21.99 -18.59 -7.80
C ALA A 384 -20.71 -19.27 -8.29
N ARG A 385 -19.70 -18.47 -8.60
CA ARG A 385 -18.45 -18.91 -9.26
C ARG A 385 -17.53 -19.56 -8.22
N SER A 386 -16.95 -20.71 -8.53
CA SER A 386 -16.06 -21.41 -7.56
C SER A 386 -14.73 -20.64 -7.48
N ALA A 387 -14.19 -20.54 -6.28
CA ALA A 387 -12.94 -19.81 -5.98
C ALA A 387 -11.85 -20.25 -6.98
N SER A 388 -11.81 -21.53 -7.35
CA SER A 388 -10.72 -22.11 -8.17
C SER A 388 -10.70 -21.51 -9.57
N LEU A 389 -11.81 -20.96 -10.10
CA LEU A 389 -11.81 -20.33 -11.45
C LEU A 389 -10.87 -19.09 -11.51
N SER A 390 -10.62 -18.43 -10.38
CA SER A 390 -9.78 -17.20 -10.30
C SER A 390 -8.29 -17.54 -10.49
N LEU A 391 -7.90 -18.79 -10.27
CA LEU A 391 -6.47 -19.19 -10.22
C LEU A 391 -6.18 -20.07 -11.43
N PRO A 392 -4.92 -20.12 -11.92
CA PRO A 392 -4.56 -21.04 -12.99
C PRO A 392 -4.98 -22.47 -12.67
N PRO A 393 -5.40 -23.29 -13.66
CA PRO A 393 -5.51 -24.74 -13.43
C PRO A 393 -4.14 -25.26 -12.95
N GLY A 394 -4.16 -26.21 -12.00
CA GLY A 394 -2.91 -26.76 -11.43
C GLY A 394 -2.52 -26.08 -10.14
N THR A 395 -3.09 -24.91 -9.81
CA THR A 395 -2.72 -24.20 -8.55
C THR A 395 -2.75 -25.18 -7.36
N ASP A 396 -1.79 -25.07 -6.44
CA ASP A 396 -1.72 -26.03 -5.31
C ASP A 396 -3.03 -25.96 -4.55
N PRO A 397 -3.59 -27.09 -4.06
CA PRO A 397 -4.90 -27.11 -3.38
C PRO A 397 -4.97 -26.31 -2.06
N ALA A 398 -3.86 -26.22 -1.31
CA ALA A 398 -3.75 -25.45 -0.06
C ALA A 398 -3.86 -23.95 -0.41
N VAL A 399 -3.21 -23.52 -1.50
CA VAL A 399 -3.27 -22.12 -2.01
C VAL A 399 -4.74 -21.82 -2.35
N ILE A 400 -5.44 -22.76 -3.03
CA ILE A 400 -6.87 -22.60 -3.47
C ILE A 400 -7.77 -22.51 -2.22
N ARG A 401 -7.59 -23.38 -1.23
CA ARG A 401 -8.41 -23.37 0.02
C ARG A 401 -8.27 -22.00 0.70
N GLY A 402 -7.06 -21.41 0.64
CA GLY A 402 -6.76 -20.11 1.26
C GLY A 402 -7.48 -19.00 0.51
N TYR A 403 -7.40 -19.01 -0.81
CA TYR A 403 -8.06 -17.98 -1.65
C TYR A 403 -9.57 -18.08 -1.42
N GLN A 404 -10.07 -19.31 -1.24
CA GLN A 404 -11.53 -19.54 -1.10
CA GLN A 404 -11.51 -19.56 -1.09
C GLN A 404 -11.96 -18.85 0.19
N ALA A 405 -11.10 -18.88 1.22
CA ALA A 405 -11.46 -18.34 2.55
C ALA A 405 -11.36 -16.81 2.52
N GLN A 406 -10.33 -16.26 1.86
CA GLN A 406 -10.20 -14.81 1.50
C GLN A 406 -11.49 -14.38 0.79
N ARG A 407 -11.83 -15.04 -0.32
CA ARG A 407 -13.02 -14.81 -1.19
C ARG A 407 -14.29 -14.75 -0.34
N ASN A 408 -14.52 -15.72 0.54
CA ASN A 408 -15.70 -15.74 1.45
C ASN A 408 -15.71 -14.47 2.32
N ALA A 409 -14.58 -14.13 2.93
CA ALA A 409 -14.51 -12.97 3.83
C ALA A 409 -14.77 -11.72 2.99
N ILE A 410 -14.20 -11.65 1.78
CA ILE A 410 -14.36 -10.45 0.91
C ILE A 410 -15.84 -10.33 0.48
N LEU A 411 -16.54 -11.46 0.25
CA LEU A 411 -17.98 -11.44 -0.17
C LEU A 411 -18.84 -10.86 0.96
N LYS A 412 -18.58 -11.25 2.21
CA LYS A 412 -19.22 -10.61 3.39
C LYS A 412 -18.96 -9.10 3.40
N GLN A 413 -17.73 -8.67 3.08
CA GLN A 413 -17.39 -7.22 3.03
C GLN A 413 -18.24 -6.57 1.94
N PHE A 414 -18.43 -7.27 0.80
CA PHE A 414 -19.31 -6.81 -0.31
C PHE A 414 -20.74 -6.51 0.20
N GLU A 415 -21.23 -7.33 1.14
CA GLU A 415 -22.58 -7.21 1.75
CA GLU A 415 -22.58 -7.20 1.75
C GLU A 415 -22.58 -6.09 2.79
N ASN A 416 -21.41 -5.79 3.38
CA ASN A 416 -21.22 -4.85 4.51
C ASN A 416 -21.34 -3.40 4.05
N PRO A 417 -22.26 -2.60 4.66
CA PRO A 417 -22.39 -1.17 4.32
C PRO A 417 -21.21 -0.29 4.79
N ASN A 418 -20.38 -0.81 5.71
CA ASN A 418 -19.27 -0.07 6.38
C ASN A 418 -17.91 -0.66 5.96
N VAL A 419 -17.81 -1.29 4.80
CA VAL A 419 -16.47 -1.67 4.26
C VAL A 419 -16.30 -1.08 2.87
N GLY A 420 -15.23 -0.31 2.67
CA GLY A 420 -14.90 0.23 1.33
C GLY A 420 -14.38 -0.84 0.38
N VAL A 421 -14.67 -0.68 -0.92
CA VAL A 421 -14.11 -1.47 -2.05
C VAL A 421 -13.59 -0.51 -3.13
N GLY A 422 -13.82 0.79 -3.01
CA GLY A 422 -13.32 1.74 -4.03
C GLY A 422 -13.10 3.15 -3.47
N THR A 423 -12.17 3.88 -4.13
CA THR A 423 -11.80 5.27 -3.82
C THR A 423 -12.03 6.14 -5.07
N VAL A 424 -12.57 7.33 -4.82
CA VAL A 424 -12.71 8.41 -5.84
C VAL A 424 -11.93 9.64 -5.37
N HIS A 425 -11.29 10.32 -6.32
CA HIS A 425 -10.44 11.49 -6.06
C HIS A 425 -10.45 12.45 -7.27
N TRP A 426 -10.49 13.74 -6.99
CA TRP A 426 -10.23 14.72 -8.06
C TRP A 426 -9.17 15.76 -7.62
N GLY A 427 -8.06 15.80 -8.36
CA GLY A 427 -6.94 16.72 -8.11
C GLY A 427 -7.33 18.20 -8.20
N THR A 428 -8.45 18.51 -8.88
CA THR A 428 -9.00 19.87 -9.20
C THR A 428 -8.55 20.29 -10.61
N GLY A 429 -7.82 19.40 -11.32
CA GLY A 429 -7.33 19.61 -12.69
C GLY A 429 -7.97 18.70 -13.75
N SER A 430 -7.18 18.25 -14.72
CA SER A 430 -7.65 17.64 -16.01
C SER A 430 -7.91 16.13 -15.84
N SER A 431 -7.65 15.54 -14.67
CA SER A 431 -7.96 14.11 -14.48
C SER A 431 -8.61 13.86 -13.12
N ALA A 432 -9.39 12.78 -13.05
CA ALA A 432 -9.93 12.17 -11.80
C ALA A 432 -9.35 10.75 -11.60
N LEU A 433 -9.30 10.29 -10.35
CA LEU A 433 -8.77 8.93 -10.03
C LEU A 433 -9.86 8.09 -9.40
N VAL A 434 -9.89 6.82 -9.77
CA VAL A 434 -10.82 5.81 -9.20
C VAL A 434 -9.97 4.60 -8.85
N TYR A 435 -9.96 4.23 -7.59
CA TYR A 435 -9.15 3.07 -7.11
C TYR A 435 -10.08 1.89 -6.79
N HIS A 436 -9.66 0.72 -7.28
CA HIS A 436 -10.23 -0.60 -6.95
C HIS A 436 -9.49 -1.15 -5.72
N LEU A 437 -10.08 -1.01 -4.54
CA LEU A 437 -9.44 -1.34 -3.24
C LEU A 437 -9.43 -2.84 -2.94
N LYS A 438 -10.43 -3.60 -3.42
CA LYS A 438 -10.62 -5.00 -2.97
C LYS A 438 -10.81 -5.95 -4.15
N PRO A 439 -9.78 -6.12 -5.00
CA PRO A 439 -9.86 -7.06 -6.11
C PRO A 439 -9.88 -8.51 -5.62
N LEU A 440 -10.70 -9.33 -6.28
CA LEU A 440 -10.78 -10.81 -6.08
C LEU A 440 -9.71 -11.51 -6.93
N SER A 441 -9.10 -10.82 -7.91
CA SER A 441 -8.03 -11.33 -8.81
C SER A 441 -6.77 -11.58 -7.97
N ARG A 442 -5.96 -12.56 -8.38
CA ARG A 442 -4.73 -12.97 -7.63
C ARG A 442 -3.60 -13.17 -8.63
N GLY A 443 -2.41 -12.66 -8.31
CA GLY A 443 -1.24 -12.72 -9.21
C GLY A 443 -0.09 -13.50 -8.59
N THR A 444 1.02 -13.53 -9.31
CA THR A 444 2.25 -14.26 -8.89
C THR A 444 3.50 -13.41 -9.03
N VAL A 445 4.48 -13.73 -8.18
CA VAL A 445 5.85 -13.18 -8.28
C VAL A 445 6.82 -14.33 -7.95
N ASN A 446 7.49 -14.82 -9.00
CA ASN A 446 8.37 -16.03 -8.95
C ASN A 446 9.73 -15.68 -9.54
N ILE A 447 10.81 -16.06 -8.86
CA ILE A 447 12.20 -15.92 -9.42
C ILE A 447 12.30 -16.70 -10.74
N ARG A 448 13.00 -16.16 -11.75
CA ARG A 448 13.18 -16.80 -13.10
C ARG A 448 14.50 -17.60 -13.15
N SER A 449 15.35 -17.45 -12.14
CA SER A 449 16.73 -18.01 -12.06
C SER A 449 17.18 -18.02 -10.59
N THR A 450 18.43 -18.41 -10.35
CA THR A 450 19.10 -18.46 -9.02
C THR A 450 20.07 -17.29 -8.92
N ASN A 451 20.09 -16.45 -9.97
CA ASN A 451 20.89 -15.20 -10.04
C ASN A 451 20.16 -14.08 -9.28
N PRO A 452 20.70 -13.66 -8.11
CA PRO A 452 20.00 -12.72 -7.23
C PRO A 452 19.95 -11.27 -7.70
N LEU A 453 20.54 -10.96 -8.85
CA LEU A 453 20.39 -9.67 -9.56
C LEU A 453 19.25 -9.76 -10.58
N ASP A 454 18.73 -10.96 -10.87
CA ASP A 454 17.68 -11.16 -11.89
C ASP A 454 16.33 -10.74 -11.31
N ALA A 455 15.56 -9.98 -12.10
CA ALA A 455 14.15 -9.63 -11.82
C ALA A 455 13.34 -10.92 -11.68
N PRO A 456 12.39 -10.98 -10.70
CA PRO A 456 11.40 -12.07 -10.62
C PRO A 456 10.33 -11.81 -11.69
N GLU A 457 9.69 -12.86 -12.21
CA GLU A 457 8.52 -12.74 -13.12
C GLU A 457 7.37 -12.21 -12.26
N ILE A 458 6.86 -11.02 -12.61
CA ILE A 458 5.74 -10.32 -11.93
C ILE A 458 4.50 -10.39 -12.85
N ASP A 459 3.50 -11.17 -12.43
CA ASP A 459 2.19 -11.30 -13.13
C ASP A 459 1.07 -10.87 -12.17
N TYR A 460 0.57 -9.63 -12.34
CA TYR A 460 -0.46 -8.98 -11.48
C TYR A 460 -1.77 -9.78 -11.62
N ARG A 461 -2.03 -10.23 -12.85
CA ARG A 461 -3.24 -11.00 -13.26
C ARG A 461 -4.46 -10.11 -12.95
N THR A 462 -4.29 -8.79 -13.08
CA THR A 462 -5.35 -7.77 -12.95
C THR A 462 -6.49 -8.13 -13.92
N GLY A 463 -7.72 -8.17 -13.39
CA GLY A 463 -8.95 -8.31 -14.17
C GLY A 463 -9.20 -9.73 -14.70
N THR A 464 -8.40 -10.73 -14.25
CA THR A 464 -8.52 -12.16 -14.66
C THR A 464 -9.83 -12.68 -14.08
N ASP A 465 -10.15 -12.28 -12.84
CA ASP A 465 -11.47 -12.58 -12.21
C ASP A 465 -12.49 -11.58 -12.74
N PRO A 466 -13.52 -12.02 -13.50
CA PRO A 466 -14.46 -11.11 -14.15
C PRO A 466 -15.45 -10.36 -13.24
N ILE A 467 -15.51 -10.73 -11.94
CA ILE A 467 -16.24 -9.96 -10.87
C ILE A 467 -15.55 -8.60 -10.68
N ASP A 468 -14.21 -8.54 -10.73
CA ASP A 468 -13.47 -7.27 -10.57
C ASP A 468 -14.01 -6.23 -11.56
N ALA A 469 -14.30 -6.60 -12.81
CA ALA A 469 -14.73 -5.65 -13.86
C ALA A 469 -16.11 -5.07 -13.49
N GLN A 470 -16.97 -5.83 -12.80
CA GLN A 470 -18.36 -5.37 -12.43
C GLN A 470 -18.25 -4.33 -11.30
N VAL A 471 -17.41 -4.63 -10.30
CA VAL A 471 -17.12 -3.72 -9.16
C VAL A 471 -16.55 -2.43 -9.75
N TYR A 472 -15.54 -2.57 -10.63
CA TYR A 472 -14.78 -1.39 -11.13
C TYR A 472 -15.74 -0.51 -11.93
N THR A 473 -16.69 -1.10 -12.66
CA THR A 473 -17.61 -0.38 -13.58
C THR A 473 -18.61 0.39 -12.70
N SER A 474 -19.01 -0.16 -11.57
CA SER A 474 -19.87 0.57 -10.60
C SER A 474 -19.14 1.83 -10.13
N LEU A 475 -17.86 1.66 -9.75
CA LEU A 475 -16.96 2.73 -9.23
C LEU A 475 -16.87 3.86 -10.27
N PHE A 476 -16.62 3.50 -11.53
CA PHE A 476 -16.60 4.42 -12.69
C PHE A 476 -17.92 5.21 -12.75
N ARG A 477 -19.07 4.55 -12.55
CA ARG A 477 -20.40 5.16 -12.74
C ARG A 477 -20.65 6.19 -11.64
N LYS A 478 -20.21 5.89 -10.41
CA LYS A 478 -20.41 6.78 -9.24
C LYS A 478 -19.55 8.04 -9.46
N ASN A 479 -18.33 7.86 -9.95
CA ASN A 479 -17.47 9.01 -10.28
C ASN A 479 -18.20 9.89 -11.27
N ARG A 480 -18.78 9.29 -12.32
CA ARG A 480 -19.54 10.06 -13.34
C ARG A 480 -20.68 10.82 -12.64
N GLU A 481 -21.36 10.20 -11.66
CA GLU A 481 -22.45 10.89 -10.89
C GLU A 481 -21.91 12.18 -10.28
N ILE A 482 -20.75 12.11 -9.62
CA ILE A 482 -20.12 13.29 -8.93
C ILE A 482 -19.97 14.41 -9.97
N PHE A 483 -19.32 14.14 -11.09
CA PHE A 483 -19.07 15.16 -12.14
C PHE A 483 -20.36 15.70 -12.75
N ASN A 484 -21.47 14.95 -12.73
CA ASN A 484 -22.75 15.36 -13.36
C ASN A 484 -23.65 16.06 -12.31
N ALA A 485 -23.27 16.04 -11.03
CA ALA A 485 -24.02 16.66 -9.91
C ALA A 485 -24.05 18.18 -10.04
N PRO A 486 -25.05 18.90 -9.47
CA PRO A 486 -25.15 20.38 -9.56
C PRO A 486 -23.89 21.20 -9.20
N SER A 487 -23.27 20.95 -8.04
CA SER A 487 -22.07 21.67 -7.54
C SER A 487 -20.87 21.50 -8.48
N MET A 488 -20.77 20.44 -9.30
CA MET A 488 -19.67 20.30 -10.32
C MET A 488 -20.09 20.77 -11.72
N ARG A 489 -21.40 20.93 -12.01
CA ARG A 489 -21.92 21.32 -13.35
C ARG A 489 -21.47 22.77 -13.69
N VAL A 490 -21.49 23.69 -12.72
CA VAL A 490 -21.12 25.12 -12.94
C VAL A 490 -19.67 25.23 -13.43
N LEU A 491 -18.82 24.20 -13.19
CA LEU A 491 -17.45 24.20 -13.74
C LEU A 491 -17.46 23.68 -15.19
N GLY A 492 -18.59 23.14 -15.66
CA GLY A 492 -18.76 22.63 -17.04
C GLY A 492 -17.83 21.46 -17.39
N PRO A 493 -17.64 20.45 -16.49
CA PRO A 493 -16.85 19.26 -16.80
C PRO A 493 -17.42 18.47 -18.00
N SER A 494 -16.56 17.77 -18.74
CA SER A 494 -17.02 16.68 -19.61
C SER A 494 -15.88 15.68 -19.83
N GLU A 495 -16.25 14.40 -19.83
CA GLU A 495 -15.28 13.27 -19.99
C GLU A 495 -14.58 13.45 -21.34
N ALA A 496 -13.25 13.31 -21.40
CA ALA A 496 -12.46 13.45 -22.64
C ALA A 496 -12.25 12.04 -23.22
N ALA A 497 -11.84 11.95 -24.49
CA ALA A 497 -11.44 10.68 -25.14
C ALA A 497 -10.29 10.06 -24.32
N PRO A 498 -10.20 8.71 -24.21
CA PRO A 498 -11.16 7.78 -24.81
C PRO A 498 -12.44 7.42 -24.01
N PHE A 499 -12.79 8.15 -22.93
CA PHE A 499 -14.14 8.07 -22.30
C PHE A 499 -15.02 9.13 -22.98
N GLY A 500 -16.13 9.52 -22.32
CA GLY A 500 -17.13 10.47 -22.82
C GLY A 500 -18.53 10.12 -22.34
N ALA A 501 -19.46 11.08 -22.35
CA ALA A 501 -20.92 10.88 -22.13
C ALA A 501 -21.49 9.86 -23.15
N ASN A 502 -20.88 9.74 -24.34
CA ASN A 502 -21.35 8.83 -25.42
C ASN A 502 -21.10 7.36 -25.06
N LEU A 503 -20.36 7.03 -23.99
CA LEU A 503 -20.29 5.62 -23.51
C LEU A 503 -21.30 5.41 -22.37
N THR A 504 -22.36 4.64 -22.59
CA THR A 504 -23.48 4.49 -21.61
C THR A 504 -23.58 3.05 -21.07
N THR A 505 -23.08 2.04 -21.78
CA THR A 505 -23.32 0.61 -21.43
C THR A 505 -22.10 0.09 -20.68
N ASP A 506 -22.28 -0.98 -19.90
CA ASP A 506 -21.19 -1.59 -19.11
C ASP A 506 -20.09 -1.98 -20.11
N GLU A 507 -20.46 -2.43 -21.31
CA GLU A 507 -19.41 -3.01 -22.20
C GLU A 507 -18.57 -1.90 -22.89
N GLU A 508 -19.21 -0.86 -23.46
CA GLU A 508 -18.56 0.36 -24.03
C GLU A 508 -17.53 0.91 -23.03
N ILE A 509 -17.93 1.11 -21.76
CA ILE A 509 -17.14 1.78 -20.67
C ILE A 509 -16.00 0.88 -20.22
N TYR A 510 -16.26 -0.38 -19.89
CA TYR A 510 -15.19 -1.30 -19.43
C TYR A 510 -14.21 -1.62 -20.58
N ALA A 511 -14.66 -1.55 -21.85
CA ALA A 511 -13.75 -1.82 -22.99
C ALA A 511 -12.60 -0.80 -22.90
N VAL A 512 -12.96 0.45 -22.62
CA VAL A 512 -11.96 1.54 -22.48
C VAL A 512 -11.11 1.27 -21.24
N MET A 513 -11.74 1.03 -20.08
CA MET A 513 -11.06 0.74 -18.79
C MET A 513 -10.02 -0.37 -18.98
N ARG A 514 -10.37 -1.43 -19.70
CA ARG A 514 -9.48 -2.58 -19.96
C ARG A 514 -8.14 -2.08 -20.47
N GLU A 515 -8.18 -1.15 -21.44
CA GLU A 515 -7.02 -0.51 -22.10
C GLU A 515 -6.28 0.46 -21.13
N LEU A 516 -6.95 1.08 -20.14
CA LEU A 516 -6.37 2.20 -19.33
C LEU A 516 -6.02 1.82 -17.86
N ILE A 517 -6.68 0.85 -17.23
CA ILE A 517 -6.43 0.49 -15.80
C ILE A 517 -4.92 0.29 -15.62
N ASN A 518 -4.33 0.94 -14.61
CA ASN A 518 -3.00 0.49 -14.12
C ASN A 518 -3.23 -0.65 -13.13
N PRO A 519 -2.62 -1.83 -13.38
CA PRO A 519 -2.61 -2.92 -12.41
C PRO A 519 -2.27 -2.50 -10.98
N SER A 520 -1.46 -1.44 -10.81
CA SER A 520 -0.70 -1.16 -9.55
C SER A 520 -0.74 0.32 -9.18
N ASN A 521 -0.82 0.56 -7.88
CA ASN A 521 -0.50 1.86 -7.21
C ASN A 521 0.71 1.63 -6.29
N ALA A 522 1.55 0.65 -6.63
CA ALA A 522 2.67 0.13 -5.83
C ALA A 522 2.21 -0.23 -4.39
N HIS A 523 1.00 -0.80 -4.26
CA HIS A 523 0.50 -1.38 -2.99
C HIS A 523 0.69 -2.92 -2.98
N GLN A 524 1.74 -3.43 -3.67
CA GLN A 524 2.01 -4.88 -3.80
C GLN A 524 1.98 -5.50 -2.40
N CYS A 525 1.23 -6.60 -2.22
CA CYS A 525 1.07 -7.26 -0.91
C CYS A 525 0.88 -8.76 -1.04
N CYS A 526 0.95 -9.43 0.11
CA CYS A 526 0.17 -10.64 0.40
C CYS A 526 0.85 -11.86 -0.21
N THR A 527 2.11 -11.70 -0.67
CA THR A 527 2.82 -12.78 -1.44
C THR A 527 3.57 -13.73 -0.48
N ALA A 528 3.38 -13.57 0.83
CA ALA A 528 3.86 -14.48 1.90
C ALA A 528 2.87 -14.38 3.06
N ALA A 529 1.66 -14.89 2.82
CA ALA A 529 0.40 -14.52 3.51
C ALA A 529 0.29 -15.20 4.87
N MET A 530 -0.15 -14.46 5.86
CA MET A 530 -0.34 -14.93 7.25
C MET A 530 -1.71 -15.65 7.30
N MET A 531 -1.68 -16.91 6.89
CA MET A 531 -2.77 -17.89 7.08
C MET A 531 -2.17 -19.22 7.52
N PRO A 532 -2.98 -20.19 8.03
CA PRO A 532 -2.50 -21.56 8.28
C PRO A 532 -1.83 -22.19 7.04
N LYS A 533 -0.91 -23.12 7.28
CA LYS A 533 -0.12 -23.80 6.21
C LYS A 533 -1.06 -24.60 5.31
N ASP A 534 -2.12 -25.19 5.87
CA ASP A 534 -3.05 -26.09 5.12
C ASP A 534 -4.05 -25.22 4.33
N MET A 535 -3.95 -23.90 4.43
CA MET A 535 -4.65 -22.94 3.55
C MET A 535 -3.63 -22.13 2.71
N GLY A 536 -2.37 -22.60 2.59
CA GLY A 536 -1.39 -22.03 1.63
C GLY A 536 -0.68 -20.79 2.17
N GLY A 537 -0.69 -20.65 3.49
CA GLY A 537 0.06 -19.63 4.23
C GLY A 537 1.55 -19.95 4.31
N VAL A 538 2.35 -18.89 4.38
CA VAL A 538 3.83 -18.86 4.47
C VAL A 538 4.19 -18.54 5.93
N VAL A 539 3.37 -17.78 6.65
CA VAL A 539 3.72 -17.43 8.06
C VAL A 539 2.53 -17.72 8.97
N SER A 540 2.87 -17.97 10.23
CA SER A 540 1.94 -18.15 11.37
C SER A 540 1.35 -16.81 11.85
N SER A 541 0.66 -16.84 12.99
CA SER A 541 0.01 -15.66 13.62
C SER A 541 1.06 -14.68 14.15
N GLU A 542 2.23 -15.21 14.55
CA GLU A 542 3.36 -14.44 15.12
C GLU A 542 4.35 -14.17 13.98
N GLN A 543 3.94 -14.38 12.74
CA GLN A 543 4.66 -13.95 11.52
C GLN A 543 5.89 -14.85 11.28
N LYS A 544 6.00 -15.98 11.97
CA LYS A 544 7.11 -16.97 11.78
C LYS A 544 6.88 -17.81 10.51
N VAL A 545 7.86 -17.82 9.60
CA VAL A 545 7.83 -18.71 8.40
C VAL A 545 7.83 -20.17 8.87
N TYR A 546 6.91 -20.96 8.28
CA TYR A 546 6.60 -22.39 8.58
C TYR A 546 7.82 -23.29 8.26
N GLY A 547 8.15 -24.18 9.19
CA GLY A 547 9.14 -25.25 9.01
C GLY A 547 10.58 -24.76 9.14
N VAL A 548 10.80 -23.54 9.70
CA VAL A 548 12.13 -22.92 9.96
C VAL A 548 12.00 -22.08 11.24
N GLN A 549 13.01 -22.09 12.12
CA GLN A 549 13.05 -21.30 13.39
C GLN A 549 13.84 -19.99 13.16
N GLY A 550 13.54 -18.94 13.94
CA GLY A 550 14.24 -17.64 13.90
C GLY A 550 14.07 -16.84 12.58
N LEU A 551 13.00 -17.04 11.81
CA LEU A 551 12.72 -16.25 10.57
C LEU A 551 11.24 -15.77 10.51
N ARG A 552 10.98 -14.47 10.57
CA ARG A 552 9.61 -13.90 10.40
C ARG A 552 9.49 -13.00 9.15
N VAL A 553 8.26 -12.73 8.69
CA VAL A 553 8.02 -11.68 7.66
C VAL A 553 7.31 -10.50 8.34
N ALA A 554 7.87 -9.28 8.16
CA ALA A 554 7.42 -8.02 8.79
C ALA A 554 6.74 -7.13 7.76
N ASP A 555 7.17 -7.18 6.49
CA ASP A 555 6.65 -6.32 5.40
C ASP A 555 5.24 -6.80 5.01
N ILE A 556 4.52 -6.06 4.16
CA ILE A 556 3.06 -6.31 3.91
C ILE A 556 2.90 -7.53 3.01
N SER A 557 3.99 -8.23 2.69
CA SER A 557 3.98 -9.63 2.15
C SER A 557 3.09 -10.53 3.03
N PHE A 558 2.94 -10.21 4.32
CA PHE A 558 2.31 -11.09 5.33
C PHE A 558 0.79 -10.91 5.31
N TRP A 559 0.29 -9.82 4.73
CA TRP A 559 -1.18 -9.50 4.69
C TRP A 559 -1.92 -10.61 3.92
N PRO A 560 -3.03 -11.22 4.47
CA PRO A 560 -3.88 -12.09 3.67
C PRO A 560 -4.46 -11.38 2.44
N PHE A 561 -4.94 -10.13 2.56
CA PHE A 561 -5.59 -9.37 1.44
C PHE A 561 -5.69 -7.84 1.68
N GLN A 562 -5.95 -7.10 0.59
CA GLN A 562 -5.90 -5.60 0.54
C GLN A 562 -6.97 -4.99 1.48
N LEU A 563 -6.63 -3.86 2.11
CA LEU A 563 -7.49 -3.10 3.05
C LEU A 563 -8.45 -2.26 2.22
N SER A 564 -9.56 -1.86 2.85
CA SER A 564 -10.32 -0.61 2.59
C SER A 564 -9.43 0.58 2.99
N GLY A 565 -8.53 0.91 2.09
CA GLY A 565 -7.53 1.98 2.24
C GLY A 565 -6.16 1.57 1.70
N SER A 566 -5.27 2.56 1.59
CA SER A 566 -3.87 2.33 1.15
CA SER A 566 -3.86 2.35 1.16
C SER A 566 -3.05 1.79 2.34
N PRO A 567 -1.97 1.00 2.06
CA PRO A 567 -1.32 0.19 3.10
C PRO A 567 -0.47 0.92 4.16
N MET A 568 0.01 2.14 3.85
CA MET A 568 1.14 2.73 4.60
C MET A 568 0.86 2.72 6.11
N ALA A 569 -0.30 3.17 6.58
CA ALA A 569 -0.52 3.35 8.03
C ALA A 569 -0.49 1.98 8.74
N THR A 570 -1.05 0.96 8.11
CA THR A 570 -1.00 -0.43 8.65
C THR A 570 0.42 -1.01 8.56
N ALA A 571 1.21 -0.66 7.54
CA ALA A 571 2.62 -1.10 7.45
C ALA A 571 3.32 -0.68 8.74
N TYR A 572 3.12 0.57 9.15
CA TYR A 572 3.81 1.14 10.33
C TYR A 572 3.34 0.36 11.56
N ALA A 573 2.02 0.26 11.69
CA ALA A 573 1.34 -0.18 12.94
C ALA A 573 1.60 -1.68 13.09
N GLY A 574 1.57 -2.41 11.98
CA GLY A 574 1.84 -3.87 11.95
C GLY A 574 3.24 -4.20 12.43
N ALA A 575 4.21 -3.39 12.03
CA ALA A 575 5.65 -3.46 12.43
C ALA A 575 5.78 -3.07 13.91
N GLU A 576 5.07 -2.02 14.35
CA GLU A 576 5.02 -1.64 15.79
C GLU A 576 4.58 -2.88 16.58
N ARG A 577 3.64 -3.67 16.01
CA ARG A 577 2.99 -4.85 16.64
C ARG A 577 3.99 -6.02 16.70
N LEU A 578 4.62 -6.35 15.57
CA LEU A 578 5.59 -7.48 15.49
C LEU A 578 6.71 -7.21 16.50
N ALA A 579 7.09 -5.96 16.62
CA ALA A 579 8.13 -5.48 17.55
C ALA A 579 7.84 -5.95 18.97
N ASP A 580 6.59 -5.82 19.43
CA ASP A 580 6.18 -6.24 20.81
C ASP A 580 6.21 -7.78 20.92
N VAL A 581 5.89 -8.47 19.83
CA VAL A 581 5.80 -9.95 19.76
C VAL A 581 7.19 -10.55 19.95
N ILE A 582 8.21 -9.89 19.37
CA ILE A 582 9.63 -10.36 19.38
C ILE A 582 10.25 -10.05 20.76
N LYS A 583 10.10 -8.81 21.25
CA LYS A 583 10.48 -8.42 22.63
C LYS A 583 9.86 -9.37 23.67
N LYS A 584 8.64 -9.82 23.44
CA LYS A 584 7.90 -10.71 24.37
C LYS A 584 8.71 -12.00 24.48
N GLU A 585 8.96 -12.63 23.33
CA GLU A 585 9.48 -14.01 23.27
C GLU A 585 10.92 -14.09 23.81
N HIS A 586 11.78 -13.12 23.49
CA HIS A 586 13.23 -13.11 23.81
C HIS A 586 13.56 -12.22 25.03
N ARG A 587 12.55 -11.64 25.71
CA ARG A 587 12.72 -10.91 27.01
C ARG A 587 13.62 -9.67 26.90
N LEU A 588 13.17 -8.58 26.25
CA LEU A 588 13.97 -7.34 26.01
C LEU A 588 13.23 -6.11 26.61
N ALA A 589 13.93 -4.99 26.87
CA ALA A 589 13.38 -3.74 27.45
C ALA A 589 13.09 -2.70 26.35
#